data_4GAH
#
_entry.id   4GAH
#
_cell.length_a   56.608
_cell.length_b   58.777
_cell.length_c   135.436
_cell.angle_alpha   90.00
_cell.angle_beta   90.00
_cell.angle_gamma   90.00
#
_symmetry.space_group_name_H-M   'P 21 21 21'
#
loop_
_entity.id
_entity.type
_entity.pdbx_description
1 polymer 'Thioesterase superfamily member 4'
2 non-polymer '[[(2R,3S,4R,5R)-5-(6-aminopurin-9-yl)-4-oxidanyl-3-phosphonooxy-oxolan-2-yl]methoxy-oxidanyl-phosphoryl] [(3R)-2,2-dimethyl-3-oxidanyl-4-oxidanylidene-4-[[3-oxidanylidene-3-[2-[(2R)-2-oxidanylundecyl]sulfanylethylamino]propyl]amino]butyl] hydrogen phosphate'
3 water water
#
_entity_poly.entity_id   1
_entity_poly.type   'polypeptide(L)'
_entity_poly.pdbx_seq_one_letter_code
;EVILKDCSVPNPSWNKDLRLLFDQFMKKCEDGSWKRLPSYKRTPTEWIQDFKTHFLDPKLMKEEQMSQAQLFTRSFDDGL
GFEYVMFYNDIEKRMVCLFQGGPYLEGPPGFIHGGAIATMIDATVGMCAMMAGGIVMTANLNINYKRPIPLCSVVMINSQ
LDKVEGRKFFVSCNVQSVDEKTLYSEATSLFIKLNPAKSLTLEHHHHHH
;
_entity_poly.pdbx_strand_id   A,B
#
# COMPACT_ATOMS: atom_id res chain seq x y z
N LEU A 4 6.67 26.14 4.25
CA LEU A 4 6.54 25.41 3.01
C LEU A 4 7.88 24.76 2.62
N LYS A 5 8.13 23.57 3.15
CA LYS A 5 9.42 22.90 2.96
C LYS A 5 9.34 21.87 1.81
N ASP A 6 10.35 21.86 0.93
CA ASP A 6 10.42 20.87 -0.15
C ASP A 6 11.12 19.60 0.35
N CYS A 7 10.40 18.47 0.36
CA CYS A 7 10.96 17.21 0.84
C CYS A 7 11.66 16.39 -0.23
N SER A 8 11.42 16.72 -1.50
CA SER A 8 12.10 16.05 -2.60
C SER A 8 13.54 16.55 -2.84
N VAL A 9 14.25 16.81 -1.74
CA VAL A 9 15.67 17.13 -1.82
C VAL A 9 16.43 16.31 -0.79
N PRO A 10 17.72 16.06 -1.06
CA PRO A 10 18.52 15.16 -0.23
C PRO A 10 18.46 15.60 1.24
N ASN A 11 18.40 14.64 2.14
CA ASN A 11 18.54 14.95 3.56
C ASN A 11 19.41 13.89 4.16
N PRO A 12 19.70 14.00 5.46
CA PRO A 12 20.72 13.05 5.94
C PRO A 12 20.22 11.59 6.09
N SER A 13 18.95 11.33 5.76
CA SER A 13 18.46 9.95 5.84
C SER A 13 18.76 9.17 4.58
N TRP A 14 19.23 9.87 3.54
CA TRP A 14 19.36 9.30 2.20
C TRP A 14 20.58 8.41 2.04
N ASN A 15 20.36 7.15 1.69
CA ASN A 15 21.46 6.25 1.39
C ASN A 15 22.31 6.83 0.29
N LYS A 16 23.54 6.32 0.15
CA LYS A 16 24.43 6.79 -0.89
C LYS A 16 23.85 6.49 -2.27
N ASP A 17 23.18 5.35 -2.40
CA ASP A 17 22.60 5.01 -3.70
C ASP A 17 21.53 6.00 -4.15
N LEU A 18 20.75 6.49 -3.21
CA LEU A 18 19.72 7.44 -3.52
C LEU A 18 20.36 8.80 -3.89
N ARG A 19 21.38 9.21 -3.14
CA ARG A 19 22.14 10.42 -3.44
C ARG A 19 22.78 10.36 -4.83
N LEU A 20 23.39 9.24 -5.15
CA LEU A 20 24.02 9.05 -6.45
C LEU A 20 23.02 9.12 -7.57
N LEU A 21 21.83 8.56 -7.36
CA LEU A 21 20.87 8.49 -8.43
C LEU A 21 20.24 9.87 -8.64
N PHE A 22 19.99 10.57 -7.53
CA PHE A 22 19.46 11.91 -7.52
C PHE A 22 20.39 12.83 -8.31
N ASP A 23 21.69 12.71 -8.07
CA ASP A 23 22.70 13.50 -8.78
C ASP A 23 22.72 13.22 -10.28
N GLN A 24 22.56 11.96 -10.64
CA GLN A 24 22.51 11.59 -12.06
C GLN A 24 21.25 12.17 -12.72
N PHE A 25 20.12 12.15 -12.00
CA PHE A 25 18.90 12.72 -12.55
C PHE A 25 18.91 14.25 -12.54
N MET A 26 19.61 14.86 -11.60
CA MET A 26 19.75 16.31 -11.67
C MET A 26 20.56 16.69 -12.91
N LYS A 27 21.50 15.84 -13.31
CA LYS A 27 22.28 16.15 -14.49
C LYS A 27 21.39 16.04 -15.72
N LYS A 28 20.48 15.07 -15.69
CA LYS A 28 19.54 14.88 -16.77
C LYS A 28 18.66 16.11 -16.97
N CYS A 29 18.51 16.91 -15.92
CA CYS A 29 17.64 18.08 -15.92
C CYS A 29 18.32 19.30 -16.55
N GLU A 30 19.61 19.16 -16.86
CA GLU A 30 20.43 20.27 -17.32
C GLU A 30 19.93 20.90 -18.60
N ASP A 31 19.55 20.08 -19.58
CA ASP A 31 19.02 20.57 -20.84
C ASP A 31 17.51 20.78 -20.83
N GLY A 32 16.87 20.58 -19.68
CA GLY A 32 15.43 20.77 -19.59
C GLY A 32 14.55 19.59 -19.98
N SER A 33 15.13 18.55 -20.58
CA SER A 33 14.36 17.37 -20.98
C SER A 33 13.76 16.63 -19.76
N TRP A 34 14.43 16.68 -18.62
CA TRP A 34 13.82 16.21 -17.38
C TRP A 34 13.69 17.37 -16.41
N LYS A 35 12.87 17.17 -15.38
CA LYS A 35 12.60 18.21 -14.40
C LYS A 35 12.23 17.59 -13.06
N ARG A 36 12.76 18.16 -11.98
CA ARG A 36 12.56 17.61 -10.64
C ARG A 36 11.28 18.17 -10.07
N LEU A 37 10.47 17.31 -9.45
CA LEU A 37 9.24 17.78 -8.85
C LEU A 37 9.41 17.99 -7.34
N PRO A 38 9.19 19.22 -6.90
CA PRO A 38 9.15 19.49 -5.45
C PRO A 38 7.97 18.77 -4.80
N SER A 39 8.09 18.49 -3.52
CA SER A 39 7.01 17.83 -2.80
C SER A 39 6.90 18.44 -1.42
N TYR A 40 5.67 18.71 -0.99
CA TYR A 40 5.44 19.36 0.29
C TYR A 40 4.50 18.52 1.17
N LYS A 41 4.49 18.85 2.46
CA LYS A 41 3.73 18.09 3.45
C LYS A 41 2.19 18.27 3.42
N ARG A 42 1.71 19.51 3.21
CA ARG A 42 0.28 19.73 2.94
C ARG A 42 -0.17 21.17 3.14
N SER A 67 -6.17 22.13 9.46
CA SER A 67 -6.58 21.00 10.28
C SER A 67 -5.36 20.14 10.58
N GLN A 68 -5.56 18.83 10.66
CA GLN A 68 -4.43 17.93 10.92
C GLN A 68 -4.08 17.10 9.70
N ALA A 69 -4.83 17.31 8.62
CA ALA A 69 -4.66 16.53 7.40
C ALA A 69 -3.34 16.81 6.69
N GLN A 70 -2.64 15.73 6.33
CA GLN A 70 -1.34 15.77 5.69
C GLN A 70 -1.29 14.77 4.54
N LEU A 71 -0.46 15.04 3.54
CA LEU A 71 -0.16 14.05 2.50
C LEU A 71 0.39 12.77 3.12
N PHE A 72 -0.25 11.65 2.76
CA PHE A 72 0.11 10.33 3.27
C PHE A 72 1.60 10.00 3.09
N THR A 73 2.14 10.24 1.90
CA THR A 73 3.51 9.82 1.62
C THR A 73 4.55 10.76 2.23
N ARG A 74 4.10 11.82 2.87
CA ARG A 74 5.02 12.79 3.44
C ARG A 74 4.77 12.93 4.95
N SER A 75 4.10 11.95 5.55
CA SER A 75 3.65 12.10 6.94
C SER A 75 4.55 11.43 7.98
N PHE A 76 5.58 10.72 7.52
CA PHE A 76 6.55 10.17 8.47
C PHE A 76 7.68 11.17 8.66
N ASP A 77 8.41 11.01 9.76
CA ASP A 77 9.62 11.79 9.97
C ASP A 77 10.66 11.34 8.96
N ASP A 78 11.73 12.11 8.84
CA ASP A 78 12.78 11.82 7.86
C ASP A 78 13.42 10.47 8.10
N GLY A 79 13.56 9.69 7.03
CA GLY A 79 14.20 8.39 7.08
C GLY A 79 13.25 7.27 7.50
N LEU A 80 12.24 7.61 8.30
CA LEU A 80 11.32 6.61 8.84
C LEU A 80 10.34 6.02 7.82
N GLY A 81 9.70 6.88 7.02
CA GLY A 81 8.72 6.46 6.04
C GLY A 81 9.20 6.52 4.61
N PHE A 82 8.45 7.22 3.75
CA PHE A 82 8.81 7.37 2.35
C PHE A 82 9.88 8.47 2.15
N GLU A 83 11.01 8.11 1.55
CA GLU A 83 11.95 9.10 1.04
C GLU A 83 12.00 8.95 -0.47
N TYR A 84 11.71 10.01 -1.22
CA TYR A 84 11.64 9.92 -2.67
C TYR A 84 11.72 11.28 -3.32
N VAL A 85 12.03 11.27 -4.61
CA VAL A 85 11.99 12.44 -5.47
C VAL A 85 11.44 11.97 -6.79
N MET A 86 10.60 12.77 -7.42
CA MET A 86 10.15 12.45 -8.76
C MET A 86 10.80 13.38 -9.80
N PHE A 87 11.16 12.80 -10.94
CA PHE A 87 11.64 13.52 -12.11
C PHE A 87 10.74 13.20 -13.29
N TYR A 88 10.34 14.23 -14.03
CA TYR A 88 9.36 14.09 -15.10
C TYR A 88 9.96 14.47 -16.45
N ASN A 89 9.75 13.64 -17.47
CA ASN A 89 10.19 13.91 -18.83
C ASN A 89 8.96 14.12 -19.71
N ASP A 90 8.67 15.36 -20.06
CA ASP A 90 7.45 15.70 -20.76
C ASP A 90 7.42 15.16 -22.19
N ILE A 91 8.52 15.30 -22.92
CA ILE A 91 8.58 14.79 -24.28
C ILE A 91 8.20 13.32 -24.31
N GLU A 92 8.65 12.57 -23.32
CA GLU A 92 8.40 11.13 -23.27
C GLU A 92 7.21 10.76 -22.39
N LYS A 93 6.53 11.74 -21.81
CA LYS A 93 5.41 11.47 -20.90
C LYS A 93 5.79 10.37 -19.92
N ARG A 94 6.94 10.57 -19.27
CA ARG A 94 7.51 9.57 -18.39
C ARG A 94 7.86 10.12 -17.01
N MET A 95 7.48 9.39 -15.97
CA MET A 95 7.79 9.83 -14.60
C MET A 95 8.69 8.80 -13.97
N VAL A 96 9.77 9.27 -13.36
CA VAL A 96 10.64 8.40 -12.60
C VAL A 96 10.62 8.79 -11.12
N CYS A 97 10.38 7.80 -10.27
CA CYS A 97 10.45 8.03 -8.83
C CYS A 97 11.64 7.27 -8.23
N LEU A 98 12.53 8.02 -7.62
CA LEU A 98 13.64 7.46 -6.89
C LEU A 98 13.10 7.29 -5.49
N PHE A 99 13.16 6.06 -4.97
CA PHE A 99 12.44 5.74 -3.74
C PHE A 99 13.19 4.91 -2.72
N GLN A 100 13.26 5.42 -1.49
CA GLN A 100 13.90 4.70 -0.38
C GLN A 100 12.91 4.50 0.77
N GLY A 101 12.61 3.23 1.10
CA GLY A 101 11.60 2.93 2.08
C GLY A 101 12.14 2.70 3.48
N GLY A 102 11.70 3.51 4.44
CA GLY A 102 12.17 3.43 5.80
C GLY A 102 11.63 2.30 6.66
N PRO A 103 12.24 2.10 7.84
CA PRO A 103 11.90 0.97 8.71
C PRO A 103 10.43 0.92 9.10
N TYR A 104 9.72 2.03 9.01
CA TYR A 104 8.32 2.07 9.40
C TYR A 104 7.36 1.64 8.29
N LEU A 105 7.90 1.23 7.15
CA LEU A 105 7.09 0.74 6.04
C LEU A 105 7.06 -0.78 5.96
N GLU A 106 7.43 -1.46 7.05
CA GLU A 106 7.67 -2.90 6.98
C GLU A 106 6.38 -3.73 6.84
N GLY A 107 6.48 -4.82 6.06
CA GLY A 107 5.39 -5.77 5.91
C GLY A 107 5.90 -7.12 6.39
N PRO A 108 6.27 -8.00 5.44
CA PRO A 108 6.97 -9.22 5.82
C PRO A 108 8.28 -8.80 6.50
N PRO A 109 8.74 -9.53 7.53
CA PRO A 109 9.95 -9.06 8.22
C PRO A 109 11.08 -8.74 7.25
N GLY A 110 11.59 -7.53 7.35
CA GLY A 110 12.75 -7.13 6.57
C GLY A 110 12.41 -6.52 5.22
N PHE A 111 11.13 -6.55 4.85
CA PHE A 111 10.72 -6.04 3.57
C PHE A 111 9.65 -4.98 3.66
N ILE A 112 9.49 -4.25 2.55
CA ILE A 112 8.48 -3.22 2.44
C ILE A 112 7.06 -3.79 2.29
N HIS A 113 6.15 -3.31 3.12
CA HIS A 113 4.73 -3.69 3.06
C HIS A 113 4.19 -3.53 1.64
N GLY A 114 3.35 -4.48 1.21
CA GLY A 114 2.77 -4.42 -0.12
C GLY A 114 1.93 -3.17 -0.36
N GLY A 115 1.39 -2.63 0.72
CA GLY A 115 0.62 -1.41 0.65
C GLY A 115 1.48 -0.16 0.54
N ALA A 116 2.71 -0.21 1.03
CA ALA A 116 3.64 0.91 0.87
C ALA A 116 4.16 0.91 -0.55
N ILE A 117 4.32 -0.28 -1.11
CA ILE A 117 4.70 -0.39 -2.52
C ILE A 117 3.59 0.15 -3.42
N ALA A 118 2.35 -0.30 -3.21
CA ALA A 118 1.20 0.20 -3.96
C ALA A 118 1.10 1.70 -3.83
N THR A 119 1.33 2.21 -2.63
CA THR A 119 1.28 3.64 -2.38
C THR A 119 2.25 4.42 -3.27
N MET A 120 3.50 3.98 -3.33
CA MET A 120 4.51 4.71 -4.13
C MET A 120 4.32 4.48 -5.62
N ILE A 121 3.77 3.32 -5.97
CA ILE A 121 3.40 3.08 -7.36
C ILE A 121 2.29 4.06 -7.78
N ASP A 122 1.22 4.09 -6.99
CA ASP A 122 0.09 4.99 -7.20
C ASP A 122 0.54 6.44 -7.26
N ALA A 123 1.42 6.85 -6.35
CA ALA A 123 1.88 8.24 -6.35
C ALA A 123 2.66 8.56 -7.61
N THR A 124 3.37 7.57 -8.15
CA THR A 124 4.19 7.82 -9.34
C THR A 124 3.37 7.79 -10.62
N VAL A 125 2.61 6.73 -10.83
CA VAL A 125 1.81 6.63 -12.03
C VAL A 125 0.73 7.72 -12.07
N GLY A 126 0.29 8.17 -10.89
CA GLY A 126 -0.74 9.18 -10.77
C GLY A 126 -0.18 10.56 -11.11
N MET A 127 1.04 10.82 -10.64
CA MET A 127 1.68 12.09 -10.91
C MET A 127 2.07 12.18 -12.41
N CYS A 128 2.33 11.03 -13.02
CA CYS A 128 2.64 10.98 -14.44
C CYS A 128 1.41 11.41 -15.26
N ALA A 129 0.25 10.88 -14.89
CA ALA A 129 -1.02 11.21 -15.54
C ALA A 129 -1.36 12.68 -15.34
N MET A 130 -1.10 13.18 -14.15
CA MET A 130 -1.44 14.51 -13.75
C MET A 130 -0.56 15.57 -14.46
N MET A 131 0.72 15.26 -14.67
CA MET A 131 1.62 16.15 -15.43
C MET A 131 1.26 16.18 -16.91
N ALA A 132 0.87 15.03 -17.44
CA ALA A 132 0.35 14.93 -18.80
C ALA A 132 -0.93 15.74 -18.98
N GLY A 133 -1.93 15.46 -18.16
CA GLY A 133 -3.26 15.98 -18.40
C GLY A 133 -4.09 16.63 -17.30
N GLY A 134 -3.50 16.94 -16.15
CA GLY A 134 -4.26 17.64 -15.13
C GLY A 134 -4.85 16.76 -14.04
N ILE A 135 -5.83 17.28 -13.31
CA ILE A 135 -6.36 16.56 -12.15
C ILE A 135 -7.09 15.23 -12.47
N VAL A 136 -6.64 14.16 -11.83
CA VAL A 136 -7.17 12.81 -12.05
C VAL A 136 -7.29 12.08 -10.71
N MET A 137 -8.10 11.01 -10.72
CA MET A 137 -8.17 10.09 -9.61
C MET A 137 -8.01 8.68 -10.13
N THR A 138 -7.39 7.82 -9.33
CA THR A 138 -7.17 6.42 -9.69
C THR A 138 -8.48 5.72 -9.75
N ALA A 139 -8.72 5.00 -10.83
CA ALA A 139 -9.91 4.14 -10.96
C ALA A 139 -9.50 2.67 -10.84
N ASN A 140 -8.36 2.33 -11.44
CA ASN A 140 -7.81 0.99 -11.36
C ASN A 140 -6.29 0.96 -11.09
N LEU A 141 -5.87 -0.02 -10.30
CA LEU A 141 -4.48 -0.24 -9.97
C LEU A 141 -4.26 -1.77 -9.95
N ASN A 142 -3.43 -2.21 -10.89
CA ASN A 142 -3.17 -3.63 -11.06
C ASN A 142 -1.68 -3.93 -10.86
N ILE A 143 -1.32 -4.46 -9.69
CA ILE A 143 0.09 -4.63 -9.34
C ILE A 143 0.53 -6.09 -9.25
N ASN A 144 1.59 -6.43 -9.97
CA ASN A 144 2.26 -7.71 -9.78
C ASN A 144 3.53 -7.54 -8.97
N TYR A 145 3.62 -8.23 -7.87
CA TYR A 145 4.82 -8.21 -7.05
C TYR A 145 5.65 -9.44 -7.41
N LYS A 146 6.79 -9.20 -8.03
CA LYS A 146 7.64 -10.27 -8.56
C LYS A 146 8.74 -10.69 -7.60
N ARG A 147 9.30 -9.73 -6.90
CA ARG A 147 10.32 -9.98 -5.91
C ARG A 147 10.16 -8.98 -4.77
N PRO A 148 10.34 -9.44 -3.53
CA PRO A 148 10.10 -8.56 -2.36
C PRO A 148 11.19 -7.49 -2.26
N ILE A 149 10.86 -6.31 -1.75
CA ILE A 149 11.80 -5.21 -1.66
C ILE A 149 12.31 -5.05 -0.26
N PRO A 150 13.64 -5.15 -0.09
CA PRO A 150 14.25 -5.02 1.23
C PRO A 150 14.00 -3.64 1.82
N LEU A 151 13.61 -3.63 3.08
CA LEU A 151 13.51 -2.41 3.86
C LEU A 151 14.83 -1.64 3.71
N CYS A 152 14.75 -0.30 3.63
CA CYS A 152 15.91 0.58 3.46
C CYS A 152 16.67 0.39 2.15
N SER A 153 16.03 -0.24 1.18
CA SER A 153 16.56 -0.35 -0.17
C SER A 153 16.25 0.94 -0.95
N VAL A 154 16.72 1.04 -2.18
CA VAL A 154 16.45 2.18 -3.06
C VAL A 154 16.01 1.62 -4.39
N VAL A 155 14.89 2.08 -4.90
CA VAL A 155 14.38 1.59 -6.17
C VAL A 155 14.07 2.75 -7.13
N MET A 156 14.03 2.42 -8.41
CA MET A 156 13.50 3.29 -9.44
C MET A 156 12.11 2.82 -9.87
N ILE A 157 11.12 3.66 -9.65
CA ILE A 157 9.82 3.45 -10.27
C ILE A 157 9.79 4.23 -11.58
N ASN A 158 9.67 3.51 -12.70
CA ASN A 158 9.68 4.14 -14.00
C ASN A 158 8.30 3.98 -14.63
N SER A 159 7.56 5.08 -14.73
CA SER A 159 6.24 5.04 -15.35
C SER A 159 6.18 5.80 -16.66
N GLN A 160 5.21 5.41 -17.49
CA GLN A 160 5.02 6.03 -18.78
C GLN A 160 3.51 6.06 -19.10
N LEU A 161 3.04 7.17 -19.66
CA LEU A 161 1.66 7.26 -20.15
C LEU A 161 1.56 6.52 -21.48
N ASP A 162 0.72 5.49 -21.54
CA ASP A 162 0.66 4.62 -22.71
C ASP A 162 -0.37 5.05 -23.71
N LYS A 163 -1.48 5.54 -23.22
CA LYS A 163 -2.51 5.99 -24.11
C LYS A 163 -3.53 6.76 -23.36
N VAL A 164 -4.17 7.68 -24.07
CA VAL A 164 -5.23 8.47 -23.53
C VAL A 164 -6.46 8.22 -24.40
N GLU A 165 -7.62 8.06 -23.75
CA GLU A 165 -8.87 7.84 -24.45
C GLU A 165 -9.95 8.67 -23.76
N GLY A 166 -10.19 9.87 -24.26
CA GLY A 166 -11.09 10.79 -23.59
C GLY A 166 -10.56 11.11 -22.21
N ARG A 167 -11.34 10.79 -21.18
CA ARG A 167 -10.95 11.10 -19.81
C ARG A 167 -10.07 9.98 -19.20
N LYS A 168 -9.86 8.91 -19.96
CA LYS A 168 -9.07 7.78 -19.48
C LYS A 168 -7.57 7.90 -19.77
N PHE A 169 -6.75 7.76 -18.72
CA PHE A 169 -5.29 7.77 -18.84
C PHE A 169 -4.73 6.42 -18.40
N PHE A 170 -4.06 5.75 -19.33
CA PHE A 170 -3.50 4.43 -19.06
C PHE A 170 -2.01 4.55 -18.82
N VAL A 171 -1.60 4.39 -17.57
CA VAL A 171 -0.20 4.51 -17.19
C VAL A 171 0.29 3.17 -16.69
N SER A 172 1.47 2.75 -17.15
CA SER A 172 2.06 1.54 -16.61
C SER A 172 3.44 1.84 -16.04
N CYS A 173 3.94 0.93 -15.21
CA CYS A 173 5.25 1.13 -14.64
C CYS A 173 5.93 -0.14 -14.12
N ASN A 174 7.18 0.02 -13.72
CA ASN A 174 7.91 -1.05 -13.12
C ASN A 174 8.77 -0.51 -12.00
N VAL A 175 9.07 -1.36 -11.03
CA VAL A 175 9.94 -0.99 -9.93
C VAL A 175 11.18 -1.86 -10.08
N GLN A 176 12.35 -1.23 -10.15
CA GLN A 176 13.60 -1.95 -10.36
C GLN A 176 14.66 -1.49 -9.38
N SER A 177 15.63 -2.37 -9.11
CA SER A 177 16.83 -1.97 -8.39
C SER A 177 17.51 -0.75 -9.04
N VAL A 178 18.32 -0.05 -8.26
CA VAL A 178 19.05 1.13 -8.76
C VAL A 178 19.89 0.84 -10.01
N ASP A 179 20.52 -0.32 -10.02
CA ASP A 179 21.32 -0.77 -11.17
C ASP A 179 20.46 -1.39 -12.28
N GLU A 180 19.16 -1.55 -12.03
CA GLU A 180 18.22 -1.99 -13.07
C GLU A 180 18.34 -3.48 -13.41
N LYS A 181 19.06 -4.23 -12.56
CA LYS A 181 19.22 -5.68 -12.70
C LYS A 181 17.98 -6.41 -12.19
N THR A 182 17.51 -6.02 -11.01
CA THR A 182 16.37 -6.68 -10.38
C THR A 182 15.02 -6.01 -10.66
N LEU A 183 14.10 -6.77 -11.24
CA LEU A 183 12.70 -6.35 -11.37
C LEU A 183 11.90 -6.75 -10.13
N TYR A 184 11.49 -5.78 -9.32
CA TYR A 184 10.69 -6.06 -8.14
C TYR A 184 9.18 -6.11 -8.36
N SER A 185 8.64 -5.23 -9.20
CA SER A 185 7.20 -5.15 -9.40
C SER A 185 6.85 -4.62 -10.78
N GLU A 186 5.65 -4.94 -11.24
CA GLU A 186 5.12 -4.38 -12.48
C GLU A 186 3.69 -4.00 -12.21
N ALA A 187 3.24 -2.87 -12.77
CA ALA A 187 1.90 -2.39 -12.55
C ALA A 187 1.29 -1.76 -13.80
N THR A 188 -0.04 -1.86 -13.91
CA THR A 188 -0.81 -1.07 -14.87
C THR A 188 -1.81 -0.26 -14.07
N SER A 189 -2.35 0.79 -14.66
CA SER A 189 -3.28 1.62 -13.92
C SER A 189 -4.14 2.41 -14.88
N LEU A 190 -5.31 2.83 -14.38
CA LEU A 190 -6.19 3.68 -15.13
C LEU A 190 -6.53 4.89 -14.25
N PHE A 191 -6.30 6.09 -14.79
CA PHE A 191 -6.70 7.33 -14.15
C PHE A 191 -7.80 8.03 -14.94
N ILE A 192 -8.77 8.60 -14.23
CA ILE A 192 -9.86 9.31 -14.88
C ILE A 192 -9.72 10.81 -14.62
N LYS A 193 -9.57 11.59 -15.68
CA LYS A 193 -9.49 13.04 -15.53
C LYS A 193 -10.82 13.54 -14.98
N LEU A 194 -10.78 14.29 -13.88
CA LEU A 194 -12.01 14.77 -13.28
C LEU A 194 -12.69 15.85 -14.12
N ASN A 195 -14.01 15.89 -14.07
CA ASN A 195 -14.73 17.01 -14.65
C ASN A 195 -15.17 17.96 -13.56
N PRO A 196 -14.41 19.05 -13.37
CA PRO A 196 -14.63 20.00 -12.26
C PRO A 196 -16.07 20.52 -12.22
N ALA A 197 -16.71 20.60 -13.38
CA ALA A 197 -18.11 21.02 -13.43
C ALA A 197 -19.08 19.96 -12.87
N LYS A 198 -18.56 18.92 -12.21
CA LYS A 198 -19.44 17.87 -11.67
C LYS A 198 -19.13 17.48 -10.22
N SER A 199 -17.84 17.48 -9.88
CA SER A 199 -17.36 16.88 -8.63
C SER A 199 -18.01 17.41 -7.33
N LEU B 4 4.24 -7.20 23.11
CA LEU B 4 3.00 -7.65 22.48
C LEU B 4 1.77 -6.88 22.99
N LYS B 5 1.73 -5.58 22.70
CA LYS B 5 0.55 -4.78 23.01
C LYS B 5 -0.42 -4.87 21.83
N ASP B 6 -1.70 -5.14 22.12
CA ASP B 6 -2.70 -5.33 21.07
C ASP B 6 -3.31 -4.00 20.64
N CYS B 7 -3.11 -3.64 19.37
CA CYS B 7 -3.65 -2.39 18.83
C CYS B 7 -5.10 -2.49 18.29
N SER B 8 -5.70 -3.67 18.29
CA SER B 8 -7.06 -3.86 17.75
C SER B 8 -8.14 -3.86 18.83
N VAL B 9 -8.04 -2.89 19.72
CA VAL B 9 -8.97 -2.73 20.82
C VAL B 9 -9.34 -1.26 20.79
N PRO B 10 -10.52 -0.92 21.30
CA PRO B 10 -10.96 0.47 21.28
C PRO B 10 -10.01 1.39 22.05
N ASN B 11 -9.82 2.60 21.53
CA ASN B 11 -9.06 3.63 22.18
C ASN B 11 -9.82 4.93 21.94
N PRO B 12 -9.48 6.00 22.66
CA PRO B 12 -10.22 7.26 22.58
C PRO B 12 -10.36 7.91 21.18
N SER B 13 -9.61 7.45 20.19
CA SER B 13 -9.71 8.00 18.82
C SER B 13 -10.85 7.38 18.02
N TRP B 14 -11.28 6.19 18.44
CA TRP B 14 -12.34 5.45 17.77
C TRP B 14 -13.68 6.17 17.83
N ASN B 15 -14.16 6.66 16.69
CA ASN B 15 -15.47 7.29 16.67
C ASN B 15 -16.64 6.32 16.88
N LYS B 16 -17.84 6.85 17.09
CA LYS B 16 -18.93 6.03 17.57
C LYS B 16 -19.25 4.88 16.65
N ASP B 17 -19.13 5.11 15.34
CA ASP B 17 -19.47 4.06 14.39
C ASP B 17 -18.49 2.90 14.45
N LEU B 18 -17.21 3.22 14.61
CA LEU B 18 -16.21 2.15 14.69
C LEU B 18 -16.51 1.38 15.96
N ARG B 19 -16.79 2.11 17.01
CA ARG B 19 -17.01 1.56 18.33
C ARG B 19 -18.29 0.74 18.40
N LEU B 20 -19.35 1.22 17.76
CA LEU B 20 -20.61 0.48 17.78
C LEU B 20 -20.56 -0.78 16.89
N LEU B 21 -19.77 -0.71 15.83
CA LEU B 21 -19.60 -1.80 14.89
C LEU B 21 -18.63 -2.86 15.44
N PHE B 22 -17.75 -2.45 16.34
CA PHE B 22 -16.88 -3.36 17.08
C PHE B 22 -17.76 -4.19 18.02
N ASP B 23 -18.59 -3.50 18.79
CA ASP B 23 -19.58 -4.15 19.66
C ASP B 23 -20.46 -5.17 18.93
N GLN B 24 -20.92 -4.83 17.73
CA GLN B 24 -21.74 -5.75 16.94
C GLN B 24 -21.01 -7.03 16.54
N PHE B 25 -19.75 -6.90 16.14
CA PHE B 25 -18.96 -8.05 15.71
C PHE B 25 -18.46 -8.83 16.91
N MET B 26 -18.31 -8.11 18.02
CA MET B 26 -17.95 -8.75 19.27
C MET B 26 -19.14 -9.64 19.69
N LYS B 27 -20.35 -9.13 19.52
CA LYS B 27 -21.52 -9.97 19.74
C LYS B 27 -21.52 -11.19 18.81
N LYS B 28 -21.11 -10.99 17.56
CA LYS B 28 -21.07 -12.10 16.61
C LYS B 28 -20.10 -13.20 17.05
N CYS B 29 -19.14 -12.83 17.89
CA CYS B 29 -18.13 -13.78 18.35
C CYS B 29 -18.62 -14.73 19.43
N GLU B 30 -19.76 -14.43 20.04
CA GLU B 30 -20.25 -15.21 21.17
C GLU B 30 -20.54 -16.67 20.84
N ASP B 31 -21.10 -16.92 19.66
CA ASP B 31 -21.39 -18.29 19.24
C ASP B 31 -20.11 -19.03 18.80
N GLY B 32 -19.01 -18.28 18.70
CA GLY B 32 -17.74 -18.88 18.32
C GLY B 32 -17.52 -19.00 16.83
N SER B 33 -18.46 -18.51 16.03
CA SER B 33 -18.30 -18.59 14.58
C SER B 33 -17.34 -17.52 14.08
N TRP B 34 -17.24 -16.41 14.82
CA TRP B 34 -16.31 -15.32 14.50
C TRP B 34 -15.27 -15.17 15.61
N LYS B 35 -14.09 -14.68 15.23
CA LYS B 35 -13.00 -14.46 16.16
C LYS B 35 -12.29 -13.14 15.84
N ARG B 36 -12.01 -12.39 16.89
CA ARG B 36 -11.20 -11.18 16.79
C ARG B 36 -9.70 -11.46 16.62
N LEU B 37 -9.06 -10.86 15.62
CA LEU B 37 -7.61 -10.92 15.52
C LEU B 37 -6.92 -9.84 16.32
N PRO B 38 -5.78 -10.18 16.95
CA PRO B 38 -4.96 -9.12 17.51
C PRO B 38 -4.08 -8.54 16.40
N SER B 39 -3.62 -7.31 16.58
CA SER B 39 -2.58 -6.81 15.69
C SER B 39 -1.57 -6.09 16.55
N TYR B 40 -0.30 -6.14 16.16
CA TYR B 40 0.77 -5.50 16.92
C TYR B 40 1.61 -4.53 16.08
N LYS B 41 2.36 -3.66 16.75
CA LYS B 41 3.21 -2.71 16.04
C LYS B 41 4.40 -3.42 15.36
N ARG B 42 4.76 -4.58 15.88
CA ARG B 42 5.86 -5.39 15.37
C ARG B 42 5.43 -6.85 15.24
N THR B 43 5.90 -7.54 14.20
CA THR B 43 5.60 -8.96 14.05
C THR B 43 6.05 -9.76 15.27
N PRO B 44 5.20 -10.68 15.76
CA PRO B 44 5.56 -11.55 16.88
C PRO B 44 6.84 -12.31 16.60
N THR B 45 7.72 -12.40 17.58
CA THR B 45 9.05 -12.97 17.35
C THR B 45 9.05 -14.40 16.80
N GLU B 46 8.07 -15.21 17.19
CA GLU B 46 7.96 -16.55 16.59
C GLU B 46 7.83 -16.52 15.05
N TRP B 47 7.10 -15.56 14.50
CA TRP B 47 6.93 -15.52 13.05
C TRP B 47 8.14 -14.88 12.38
N ILE B 48 8.80 -13.96 13.06
CA ILE B 48 10.04 -13.39 12.54
C ILE B 48 11.09 -14.48 12.39
N GLN B 49 11.29 -15.24 13.48
CA GLN B 49 12.18 -16.40 13.48
C GLN B 49 11.86 -17.38 12.36
N ASP B 50 10.61 -17.81 12.27
CA ASP B 50 10.18 -18.73 11.23
C ASP B 50 10.51 -18.15 9.85
N PHE B 51 10.03 -16.94 9.59
CA PHE B 51 10.26 -16.30 8.31
C PHE B 51 11.73 -16.19 7.93
N LYS B 52 12.56 -15.62 8.81
CA LYS B 52 13.99 -15.42 8.48
C LYS B 52 14.75 -16.73 8.25
N THR B 53 14.44 -17.73 9.06
CA THR B 53 15.20 -18.96 9.14
C THR B 53 14.85 -19.95 8.02
N HIS B 54 13.64 -19.85 7.47
CA HIS B 54 13.22 -20.85 6.49
C HIS B 54 12.90 -20.28 5.12
N PHE B 55 12.80 -18.96 5.02
CA PHE B 55 12.25 -18.37 3.82
C PHE B 55 13.16 -17.30 3.19
N LEU B 56 13.29 -16.16 3.87
CA LEU B 56 13.98 -15.01 3.31
C LEU B 56 14.60 -14.16 4.39
N ASP B 57 15.87 -13.83 4.22
CA ASP B 57 16.59 -12.93 5.12
C ASP B 57 17.56 -12.11 4.29
N PRO B 58 17.28 -10.80 4.14
CA PRO B 58 18.03 -9.90 3.25
C PRO B 58 19.44 -9.50 3.71
N LYS B 59 19.84 -9.84 4.94
CA LYS B 59 21.14 -9.39 5.48
C LYS B 59 21.10 -7.88 5.45
N SER B 67 16.64 -3.24 13.92
CA SER B 67 15.81 -2.12 13.53
C SER B 67 14.91 -1.29 14.47
N GLN B 68 14.60 -0.11 13.95
CA GLN B 68 13.39 0.62 14.28
C GLN B 68 12.14 -0.01 13.61
N ALA B 69 12.32 -1.15 12.95
CA ALA B 69 11.25 -1.73 12.13
C ALA B 69 9.90 -1.89 12.85
N GLN B 70 8.85 -1.46 12.17
CA GLN B 70 7.51 -1.69 12.64
C GLN B 70 6.51 -1.80 11.49
N LEU B 71 5.42 -2.50 11.76
CA LEU B 71 4.38 -2.80 10.78
C LEU B 71 3.90 -1.47 10.18
N PHE B 72 3.89 -1.39 8.85
CA PHE B 72 3.40 -0.19 8.17
C PHE B 72 2.02 0.29 8.70
N THR B 73 1.05 -0.61 8.82
CA THR B 73 -0.31 -0.20 9.19
C THR B 73 -0.43 0.29 10.64
N ARG B 74 0.62 0.10 11.42
CA ARG B 74 0.58 0.41 12.85
C ARG B 74 1.58 1.48 13.23
N SER B 75 2.03 2.26 12.25
CA SER B 75 3.07 3.25 12.51
C SER B 75 2.57 4.65 12.87
N PHE B 76 1.25 4.81 13.04
CA PHE B 76 0.71 6.13 13.43
C PHE B 76 0.14 6.11 14.85
N ASP B 77 0.40 7.19 15.59
CA ASP B 77 -0.16 7.36 16.92
C ASP B 77 -1.68 7.29 16.83
N ASP B 78 -2.33 7.43 17.97
CA ASP B 78 -3.77 7.22 18.04
C ASP B 78 -4.61 8.15 17.18
N GLY B 79 -5.24 7.55 16.17
CA GLY B 79 -6.24 8.25 15.39
C GLY B 79 -5.75 8.88 14.11
N LEU B 80 -4.46 9.16 14.03
CA LEU B 80 -3.93 9.91 12.90
C LEU B 80 -3.78 9.09 11.62
N GLY B 81 -3.62 7.78 11.78
CA GLY B 81 -3.37 6.91 10.65
C GLY B 81 -4.45 5.86 10.46
N PHE B 82 -4.04 4.59 10.50
CA PHE B 82 -4.96 3.47 10.38
C PHE B 82 -5.47 3.11 11.76
N GLU B 83 -6.79 3.16 11.95
CA GLU B 83 -7.41 2.57 13.14
C GLU B 83 -8.26 1.39 12.69
N TYR B 84 -7.99 0.19 13.20
CA TYR B 84 -8.70 -0.96 12.66
C TYR B 84 -8.76 -2.18 13.56
N VAL B 85 -9.66 -3.10 13.20
CA VAL B 85 -9.79 -4.40 13.84
C VAL B 85 -10.29 -5.39 12.83
N MET B 86 -9.77 -6.60 12.90
CA MET B 86 -10.22 -7.65 12.01
C MET B 86 -10.93 -8.80 12.75
N PHE B 87 -12.01 -9.28 12.14
CA PHE B 87 -12.76 -10.44 12.64
C PHE B 87 -12.78 -11.52 11.57
N TYR B 88 -12.51 -12.74 11.97
CA TYR B 88 -12.40 -13.84 11.04
C TYR B 88 -13.47 -14.91 11.29
N ASN B 89 -14.00 -15.45 10.20
CA ASN B 89 -14.92 -16.57 10.22
C ASN B 89 -14.28 -17.71 9.45
N ASP B 90 -13.84 -18.75 10.16
CA ASP B 90 -13.15 -19.90 9.57
C ASP B 90 -14.00 -20.72 8.62
N ILE B 91 -15.26 -20.98 8.99
CA ILE B 91 -16.06 -21.81 8.12
C ILE B 91 -16.41 -21.08 6.84
N GLU B 92 -16.61 -19.77 6.91
CA GLU B 92 -16.83 -18.98 5.69
C GLU B 92 -15.54 -18.58 4.95
N LYS B 93 -14.37 -18.81 5.57
CA LYS B 93 -13.10 -18.36 5.00
C LYS B 93 -13.17 -16.86 4.66
N ARG B 94 -13.56 -16.07 5.64
CA ARG B 94 -13.98 -14.70 5.42
C ARG B 94 -13.43 -13.82 6.52
N MET B 95 -12.75 -12.75 6.10
CA MET B 95 -12.15 -11.81 7.04
C MET B 95 -12.76 -10.43 6.83
N VAL B 96 -13.22 -9.81 7.91
CA VAL B 96 -13.78 -8.46 7.84
C VAL B 96 -12.95 -7.52 8.67
N CYS B 97 -12.57 -6.40 8.07
CA CYS B 97 -11.81 -5.39 8.76
C CYS B 97 -12.66 -4.16 8.95
N LEU B 98 -12.74 -3.69 10.19
CA LEU B 98 -13.42 -2.44 10.49
C LEU B 98 -12.35 -1.37 10.54
N PHE B 99 -12.46 -0.37 9.65
CA PHE B 99 -11.37 0.56 9.44
C PHE B 99 -11.78 2.04 9.47
N GLN B 100 -11.02 2.83 10.21
CA GLN B 100 -11.23 4.28 10.31
C GLN B 100 -9.94 4.98 9.93
N GLY B 101 -9.99 5.77 8.87
CA GLY B 101 -8.80 6.42 8.33
C GLY B 101 -8.61 7.84 8.81
N GLY B 102 -7.49 8.09 9.48
CA GLY B 102 -7.19 9.40 10.03
C GLY B 102 -6.60 10.40 9.04
N PRO B 103 -6.43 11.65 9.49
CA PRO B 103 -5.95 12.79 8.73
C PRO B 103 -4.59 12.62 8.04
N TYR B 104 -3.71 11.75 8.54
CA TYR B 104 -2.39 11.54 7.95
C TYR B 104 -2.44 10.63 6.72
N LEU B 105 -3.62 10.07 6.44
CA LEU B 105 -3.84 9.20 5.27
C LEU B 105 -4.34 9.96 4.04
N GLU B 106 -4.24 11.28 4.06
CA GLU B 106 -4.89 12.09 3.03
C GLU B 106 -4.22 11.98 1.68
N GLY B 107 -5.03 11.96 0.63
CA GLY B 107 -4.54 11.99 -0.73
C GLY B 107 -5.19 13.20 -1.34
N PRO B 108 -6.21 13.00 -2.17
CA PRO B 108 -7.04 14.14 -2.53
C PRO B 108 -7.51 14.80 -1.26
N PRO B 109 -7.57 16.14 -1.24
CA PRO B 109 -8.04 16.87 -0.07
C PRO B 109 -9.40 16.37 0.40
N GLY B 110 -9.48 15.89 1.65
CA GLY B 110 -10.74 15.46 2.21
C GLY B 110 -10.95 13.96 2.14
N PHE B 111 -10.09 13.30 1.36
CA PHE B 111 -10.24 11.87 1.10
C PHE B 111 -8.98 11.06 1.34
N ILE B 112 -9.18 9.77 1.60
CA ILE B 112 -8.09 8.85 1.87
C ILE B 112 -7.32 8.53 0.61
N HIS B 113 -6.00 8.57 0.73
CA HIS B 113 -5.09 8.28 -0.37
C HIS B 113 -5.34 6.86 -0.94
N GLY B 114 -5.24 6.73 -2.25
CA GLY B 114 -5.44 5.45 -2.90
C GLY B 114 -4.50 4.36 -2.42
N GLY B 115 -3.29 4.74 -2.04
CA GLY B 115 -2.33 3.80 -1.52
C GLY B 115 -2.68 3.38 -0.10
N ALA B 116 -3.28 4.27 0.68
CA ALA B 116 -3.71 3.90 2.02
C ALA B 116 -4.94 2.99 1.95
N ILE B 117 -5.76 3.15 0.90
CA ILE B 117 -6.85 2.22 0.65
C ILE B 117 -6.26 0.89 0.21
N ALA B 118 -5.29 0.90 -0.70
CA ALA B 118 -4.66 -0.34 -1.15
C ALA B 118 -4.03 -1.08 0.03
N THR B 119 -3.56 -0.31 0.99
CA THR B 119 -2.81 -0.84 2.12
C THR B 119 -3.74 -1.62 3.03
N MET B 120 -4.89 -1.04 3.31
CA MET B 120 -5.88 -1.68 4.17
C MET B 120 -6.55 -2.84 3.44
N ILE B 121 -6.63 -2.77 2.12
CA ILE B 121 -7.17 -3.88 1.35
C ILE B 121 -6.16 -5.03 1.42
N ASP B 122 -4.89 -4.72 1.15
CA ASP B 122 -3.83 -5.72 1.17
C ASP B 122 -3.74 -6.38 2.54
N ALA B 123 -3.77 -5.57 3.59
CA ALA B 123 -3.80 -6.08 4.95
C ALA B 123 -4.93 -7.08 5.17
N THR B 124 -6.13 -6.76 4.68
CA THR B 124 -7.29 -7.62 4.92
C THR B 124 -7.27 -8.90 4.10
N VAL B 125 -7.22 -8.78 2.78
CA VAL B 125 -7.15 -9.97 1.94
C VAL B 125 -5.91 -10.83 2.31
N GLY B 126 -4.80 -10.16 2.69
CA GLY B 126 -3.57 -10.85 3.05
C GLY B 126 -3.70 -11.66 4.33
N MET B 127 -4.38 -11.09 5.32
CA MET B 127 -4.63 -11.78 6.57
C MET B 127 -5.60 -12.94 6.34
N CYS B 128 -6.54 -12.76 5.42
CA CYS B 128 -7.45 -13.83 5.00
C CYS B 128 -6.69 -15.01 4.37
N ALA B 129 -5.74 -14.72 3.47
CA ALA B 129 -4.96 -15.77 2.82
C ALA B 129 -4.10 -16.52 3.84
N MET B 130 -3.57 -15.78 4.82
CA MET B 130 -2.68 -16.35 5.81
C MET B 130 -3.37 -17.34 6.75
N MET B 131 -4.63 -17.06 7.09
CA MET B 131 -5.42 -17.97 7.92
C MET B 131 -5.52 -19.34 7.28
N ALA B 132 -5.66 -19.36 5.96
CA ALA B 132 -5.78 -20.60 5.22
C ALA B 132 -4.44 -21.18 4.79
N GLY B 133 -3.48 -20.32 4.47
CA GLY B 133 -2.25 -20.81 3.86
C GLY B 133 -0.95 -20.67 4.63
N GLY B 134 -0.96 -20.02 5.78
CA GLY B 134 0.28 -19.81 6.51
C GLY B 134 1.04 -18.59 6.03
N ILE B 135 2.35 -18.73 5.84
CA ILE B 135 3.16 -17.64 5.33
C ILE B 135 2.98 -17.47 3.83
N VAL B 136 2.35 -16.36 3.46
CA VAL B 136 2.06 -16.06 2.06
C VAL B 136 2.53 -14.63 1.73
N MET B 137 2.72 -14.35 0.45
CA MET B 137 3.01 -12.99 0.05
C MET B 137 2.13 -12.61 -1.12
N THR B 138 1.87 -11.32 -1.28
CA THR B 138 1.02 -10.78 -2.36
C THR B 138 1.70 -10.95 -3.71
N ALA B 139 1.00 -11.56 -4.68
CA ALA B 139 1.58 -11.69 -6.00
C ALA B 139 0.87 -10.73 -6.93
N ASN B 140 -0.44 -10.63 -6.75
CA ASN B 140 -1.22 -9.68 -7.54
C ASN B 140 -2.26 -8.99 -6.69
N LEU B 141 -2.44 -7.69 -6.95
CA LEU B 141 -3.43 -6.91 -6.25
C LEU B 141 -4.07 -5.98 -7.26
N ASN B 142 -5.36 -6.20 -7.47
CA ASN B 142 -6.10 -5.54 -8.53
C ASN B 142 -7.29 -4.74 -7.95
N ILE B 143 -7.11 -3.44 -7.82
CA ILE B 143 -8.09 -2.64 -7.13
C ILE B 143 -8.86 -1.71 -8.07
N ASN B 144 -10.19 -1.76 -7.98
CA ASN B 144 -11.02 -0.74 -8.58
C ASN B 144 -11.54 0.22 -7.54
N TYR B 145 -11.21 1.47 -7.72
CA TYR B 145 -11.65 2.51 -6.82
C TYR B 145 -12.93 3.12 -7.42
N LYS B 146 -14.05 2.85 -6.79
CA LYS B 146 -15.34 3.21 -7.36
C LYS B 146 -15.90 4.54 -6.82
N ARG B 147 -15.75 4.76 -5.51
CA ARG B 147 -16.15 6.01 -4.89
C ARG B 147 -15.08 6.44 -3.88
N PRO B 148 -14.83 7.75 -3.78
CA PRO B 148 -13.74 8.18 -2.91
C PRO B 148 -14.10 8.02 -1.45
N ILE B 149 -13.13 7.71 -0.61
CA ILE B 149 -13.41 7.54 0.80
C ILE B 149 -12.99 8.74 1.61
N PRO B 150 -13.97 9.37 2.28
CA PRO B 150 -13.69 10.57 3.07
C PRO B 150 -12.86 10.28 4.31
N LEU B 151 -11.94 11.19 4.60
CA LEU B 151 -11.15 11.18 5.82
C LEU B 151 -12.06 11.00 7.04
N CYS B 152 -11.63 10.16 7.97
CA CYS B 152 -12.29 9.95 9.25
C CYS B 152 -13.59 9.15 9.12
N SER B 153 -13.88 8.64 7.93
CA SER B 153 -15.05 7.81 7.80
C SER B 153 -14.71 6.38 8.25
N VAL B 154 -15.71 5.63 8.66
CA VAL B 154 -15.51 4.24 9.06
C VAL B 154 -16.06 3.32 7.98
N VAL B 155 -15.20 2.47 7.41
CA VAL B 155 -15.63 1.52 6.41
C VAL B 155 -15.46 0.07 6.88
N MET B 156 -15.99 -0.86 6.10
CA MET B 156 -15.81 -2.28 6.31
C MET B 156 -15.09 -2.87 5.12
N ILE B 157 -14.01 -3.58 5.36
CA ILE B 157 -13.42 -4.33 4.27
C ILE B 157 -13.80 -5.82 4.40
N ASN B 158 -14.57 -6.31 3.43
CA ASN B 158 -15.09 -7.66 3.46
C ASN B 158 -14.40 -8.55 2.44
N SER B 159 -13.56 -9.47 2.91
CA SER B 159 -12.80 -10.31 2.01
C SER B 159 -13.16 -11.80 2.17
N GLN B 160 -13.07 -12.56 1.09
CA GLN B 160 -13.31 -13.98 1.18
C GLN B 160 -12.34 -14.69 0.29
N LEU B 161 -11.96 -15.88 0.74
CA LEU B 161 -11.12 -16.77 -0.02
C LEU B 161 -11.98 -17.51 -1.05
N ASP B 162 -11.68 -17.33 -2.33
CA ASP B 162 -12.49 -17.87 -3.42
C ASP B 162 -12.01 -19.22 -3.91
N LYS B 163 -10.70 -19.40 -3.99
CA LYS B 163 -10.18 -20.69 -4.41
C LYS B 163 -8.72 -20.87 -4.01
N VAL B 164 -8.37 -22.13 -3.80
CA VAL B 164 -7.01 -22.50 -3.46
C VAL B 164 -6.60 -23.46 -4.54
N GLU B 165 -5.40 -23.27 -5.09
CA GLU B 165 -4.85 -24.18 -6.09
C GLU B 165 -3.36 -24.30 -5.85
N GLY B 166 -2.96 -25.36 -5.16
CA GLY B 166 -1.59 -25.55 -4.80
C GLY B 166 -1.20 -24.47 -3.83
N ARG B 167 -0.19 -23.68 -4.20
CA ARG B 167 0.23 -22.58 -3.36
C ARG B 167 -0.52 -21.27 -3.66
N LYS B 168 -1.44 -21.29 -4.61
CA LYS B 168 -2.19 -20.08 -4.97
C LYS B 168 -3.44 -19.87 -4.12
N PHE B 169 -3.55 -18.70 -3.51
CA PHE B 169 -4.76 -18.35 -2.78
C PHE B 169 -5.39 -17.12 -3.40
N PHE B 170 -6.61 -17.28 -3.90
CA PHE B 170 -7.33 -16.20 -4.56
C PHE B 170 -8.35 -15.57 -3.60
N VAL B 171 -8.18 -14.28 -3.31
CA VAL B 171 -9.04 -13.58 -2.38
C VAL B 171 -9.70 -12.39 -3.03
N SER B 172 -10.95 -12.13 -2.68
CA SER B 172 -11.73 -11.02 -3.21
C SER B 172 -12.11 -10.15 -2.04
N CYS B 173 -12.35 -8.86 -2.28
CA CYS B 173 -12.98 -8.07 -1.22
C CYS B 173 -13.76 -6.86 -1.71
N ASN B 174 -14.44 -6.21 -0.76
CA ASN B 174 -15.28 -5.06 -1.01
C ASN B 174 -14.98 -4.08 0.07
N VAL B 175 -15.04 -2.79 -0.25
CA VAL B 175 -14.99 -1.78 0.78
C VAL B 175 -16.31 -1.02 0.78
N GLN B 176 -16.98 -1.03 1.92
CA GLN B 176 -18.35 -0.56 2.01
C GLN B 176 -18.52 0.35 3.20
N SER B 177 -19.51 1.21 3.13
CA SER B 177 -19.91 1.99 4.29
C SER B 177 -20.53 1.07 5.31
N VAL B 178 -20.72 1.60 6.51
CA VAL B 178 -21.26 0.85 7.61
C VAL B 178 -22.64 0.26 7.28
N ASP B 179 -23.48 1.04 6.61
CA ASP B 179 -24.80 0.57 6.17
C ASP B 179 -24.78 -0.22 4.86
N GLU B 180 -23.60 -0.41 4.28
CA GLU B 180 -23.44 -1.29 3.12
C GLU B 180 -24.05 -0.77 1.83
N LYS B 181 -24.70 0.40 1.87
CA LYS B 181 -25.27 0.96 0.66
C LYS B 181 -24.26 1.64 -0.28
N THR B 182 -23.16 2.16 0.27
CA THR B 182 -22.13 2.71 -0.61
C THR B 182 -20.92 1.80 -0.77
N LEU B 183 -20.69 1.36 -2.00
CA LEU B 183 -19.52 0.55 -2.34
C LEU B 183 -18.33 1.47 -2.77
N TYR B 184 -17.32 1.58 -1.90
CA TYR B 184 -16.18 2.43 -2.23
C TYR B 184 -15.21 1.80 -3.20
N SER B 185 -14.88 0.52 -3.00
CA SER B 185 -13.88 -0.18 -3.81
C SER B 185 -14.18 -1.66 -3.85
N GLU B 186 -13.64 -2.32 -4.86
CA GLU B 186 -13.64 -3.76 -4.88
C GLU B 186 -12.29 -4.19 -5.43
N ALA B 187 -11.80 -5.33 -4.98
CA ALA B 187 -10.51 -5.79 -5.41
C ALA B 187 -10.49 -7.31 -5.54
N THR B 188 -9.58 -7.79 -6.39
CA THR B 188 -9.21 -9.20 -6.37
C THR B 188 -7.70 -9.29 -6.13
N SER B 189 -7.24 -10.48 -5.77
CA SER B 189 -5.84 -10.69 -5.39
C SER B 189 -5.43 -12.14 -5.41
N LEU B 190 -4.14 -12.35 -5.65
CA LEU B 190 -3.53 -13.66 -5.63
C LEU B 190 -2.42 -13.56 -4.62
N PHE B 191 -2.42 -14.50 -3.67
CA PHE B 191 -1.36 -14.65 -2.67
C PHE B 191 -0.72 -15.98 -2.89
N ILE B 192 0.56 -16.07 -2.58
CA ILE B 192 1.29 -17.30 -2.85
C ILE B 192 2.00 -17.77 -1.59
N LYS B 193 1.73 -19.01 -1.21
CA LYS B 193 2.37 -19.64 -0.07
C LYS B 193 3.85 -19.84 -0.37
N LEU B 194 4.69 -19.34 0.53
CA LEU B 194 6.11 -19.33 0.28
C LEU B 194 6.65 -20.73 0.35
N ASN B 195 7.48 -21.06 -0.61
CA ASN B 195 8.27 -22.25 -0.56
C ASN B 195 9.51 -21.98 0.32
N PRO B 196 9.77 -22.85 1.31
CA PRO B 196 10.97 -22.67 2.15
C PRO B 196 12.24 -22.66 1.30
N ALA B 197 13.22 -21.84 1.71
CA ALA B 197 14.41 -21.60 0.92
C ALA B 197 15.20 -22.84 0.53
N LYS B 198 15.14 -23.89 1.35
CA LYS B 198 15.98 -25.06 1.10
C LYS B 198 15.24 -26.21 0.43
N SER B 199 14.00 -25.96 0.03
CA SER B 199 13.14 -27.00 -0.54
C SER B 199 12.88 -26.83 -2.03
N LEU B 200 12.48 -27.93 -2.65
CA LEU B 200 12.06 -27.98 -4.04
C LEU B 200 10.54 -27.95 -4.02
N THR B 201 9.88 -27.75 -5.15
CA THR B 201 8.46 -27.41 -5.06
C THR B 201 7.30 -28.43 -5.06
N LEU B 202 7.21 -29.45 -5.90
CA LEU B 202 7.97 -29.76 -7.10
C LEU B 202 6.90 -29.62 -8.17
N GLU B 203 6.58 -28.40 -8.55
CA GLU B 203 5.44 -28.16 -9.41
C GLU B 203 5.92 -28.16 -10.86
N HIS B 204 4.97 -28.09 -11.78
CA HIS B 204 5.28 -27.85 -13.18
C HIS B 204 6.09 -26.55 -13.33
N HIS B 205 6.54 -26.29 -14.56
CA HIS B 205 7.09 -24.99 -15.01
C HIS B 205 8.26 -25.16 -16.00
#